data_8CVD
#
_entry.id   8CVD
#
_cell.length_a   44.796
_cell.length_b   79.214
_cell.length_c   55.957
_cell.angle_alpha   90.000
_cell.angle_beta   111.240
_cell.angle_gamma   90.000
#
_symmetry.space_group_name_H-M   'P 1 21 1'
#
loop_
_entity.id
_entity.type
_entity.pdbx_description
1 polymer 'Hyoscyamine 6-beta-hydroxylase'
2 non-polymer 'FE (II) ION'
3 non-polymer 1,2-ETHANEDIOL
4 non-polymer 'FORMIC ACID'
5 non-polymer '(1R,2R,4S,5S,7s)-9-methyl-3-oxa-9-azatricyclo[3.3.1.0~2,4~]nonan-7-yl (2S)-3-hydroxy-2-phenylpropanoate'
6 non-polymer 'SUCCINIC ACID'
7 non-polymer 'STRONTIUM ION'
8 water water
#
_entity_poly.entity_id   1
_entity_poly.type   'polypeptide(L)'
_entity_poly.pdbx_seq_one_letter_code
;MATLVSNWSTNNVSESFVAPLEKRAENDVPLGNDVPIIDLQQDHLVVVQQITKACQDFGLFQVINHGLPEKLMAETMDVC
KEFFALPAEEKEKLQPKGEPAKFELPLEQKAKLYVEGEQLSDEAFLYWKDTLAHGCHPLDEELVNSWPEKPATYREVVAK
YSVEVRKLTMRILDYICEGLGLKLGYFDNELSQIQMMLTNYYPPCPDPSSTLGSGGHYDGNLITLLQQNLPGLQQLIEDA
KWIAVEPIPTAFVVNLGLTLKVITNEKFEGSIHRVVTNPTRDRVSIATLIGPDYSCTIEPAKELLSQDNPPLYKPYSYAE
FGEIYLSDKSDYDAGVKPYKINAGGKGPGDGPGGSGGPRGGENLYFQSGHHHHHHHHGGRGGAAA
;
_entity_poly.pdbx_strand_id   A
#
loop_
_chem_comp.id
_chem_comp.type
_chem_comp.name
_chem_comp.formula
EDO non-polymer 1,2-ETHANEDIOL 'C2 H6 O2'
FE2 non-polymer 'FE (II) ION' 'Fe 2'
FMT non-polymer 'FORMIC ACID' 'C H2 O2'
OW0 non-polymer '(1R,2R,4S,5S,7s)-9-methyl-3-oxa-9-azatricyclo[3.3.1.0~2,4~]nonan-7-yl (2S)-3-hydroxy-2-phenylpropanoate' 'C17 H21 N O4'
SIN non-polymer 'SUCCINIC ACID' 'C4 H6 O4'
SR non-polymer 'STRONTIUM ION' 'Sr 2'
#
# COMPACT_ATOMS: atom_id res chain seq x y z
N VAL A 13 19.06 -1.38 20.12
CA VAL A 13 19.18 -1.27 18.62
C VAL A 13 20.06 -0.06 18.28
N SER A 14 20.65 -0.07 17.08
CA SER A 14 21.39 1.05 16.45
C SER A 14 20.53 2.32 16.48
N GLU A 15 21.13 3.46 16.81
CA GLU A 15 20.46 4.78 16.95
C GLU A 15 19.76 5.16 15.62
N SER A 16 20.24 4.61 14.50
CA SER A 16 19.68 4.83 13.14
C SER A 16 18.17 4.54 13.11
N PHE A 17 17.70 3.58 13.91
CA PHE A 17 16.31 3.04 13.88
C PHE A 17 15.46 3.64 15.01
N VAL A 18 16.01 4.53 15.84
CA VAL A 18 15.24 5.12 16.98
C VAL A 18 14.32 6.21 16.43
N ALA A 19 13.01 5.99 16.55
CA ALA A 19 11.96 6.93 16.11
C ALA A 19 11.88 8.09 17.10
N PRO A 20 11.55 9.32 16.64
CA PRO A 20 11.31 10.44 17.55
C PRO A 20 10.19 10.08 18.53
N LEU A 21 10.29 10.59 19.76
CA LEU A 21 9.45 10.20 20.92
C LEU A 21 7.98 10.12 20.52
N GLU A 22 7.45 11.15 19.85
CA GLU A 22 6.00 11.29 19.58
C GLU A 22 5.55 10.23 18.56
N LYS A 23 6.46 9.67 17.76
CA LYS A 23 6.12 8.69 16.69
C LYS A 23 6.22 7.25 17.20
N ARG A 24 6.79 7.03 18.39
CA ARG A 24 6.92 5.68 18.98
C ARG A 24 5.53 5.11 19.26
N ALA A 25 5.35 3.80 19.06
CA ALA A 25 4.06 3.10 19.24
C ALA A 25 3.85 2.80 20.73
N GLU A 26 2.63 2.98 21.24
CA GLU A 26 2.26 2.53 22.61
C GLU A 26 2.09 1.01 22.58
N ASN A 27 2.29 0.35 23.72
CA ASN A 27 2.47 -1.12 23.83
C ASN A 27 1.14 -1.87 23.72
N ASP A 28 0.01 -1.19 23.98
CA ASP A 28 -1.32 -1.85 24.14
C ASP A 28 -2.34 -1.15 23.24
N VAL A 29 -2.19 -1.33 21.93
CA VAL A 29 -3.12 -0.80 20.89
C VAL A 29 -4.26 -1.79 20.72
N PRO A 30 -5.53 -1.33 20.86
CA PRO A 30 -6.68 -2.23 20.82
C PRO A 30 -7.02 -2.72 19.40
N LEU A 31 -7.55 -3.93 19.29
CA LEU A 31 -8.11 -4.48 18.03
C LEU A 31 -9.20 -3.52 17.54
N GLY A 32 -9.12 -3.12 16.28
CA GLY A 32 -10.19 -2.38 15.59
C GLY A 32 -11.37 -3.30 15.33
N ASN A 33 -12.35 -3.29 16.25
CA ASN A 33 -13.59 -4.11 16.15
C ASN A 33 -14.47 -3.60 15.00
N ASP A 34 -14.28 -2.35 14.57
CA ASP A 34 -15.19 -1.67 13.60
C ASP A 34 -14.56 -1.65 12.20
N VAL A 35 -13.42 -2.32 11.99
CA VAL A 35 -12.84 -2.49 10.63
C VAL A 35 -13.84 -3.33 9.82
N PRO A 36 -14.45 -2.79 8.73
CA PRO A 36 -15.40 -3.58 7.94
C PRO A 36 -14.72 -4.78 7.29
N ILE A 37 -15.35 -5.95 7.40
CA ILE A 37 -14.94 -7.20 6.70
C ILE A 37 -16.04 -7.48 5.66
N ILE A 38 -15.74 -7.32 4.38
CA ILE A 38 -16.80 -7.29 3.33
C ILE A 38 -16.72 -8.57 2.50
N ASP A 39 -17.79 -9.35 2.53
CA ASP A 39 -17.97 -10.61 1.77
C ASP A 39 -18.35 -10.25 0.32
N LEU A 40 -17.45 -10.46 -0.64
CA LEU A 40 -17.70 -10.06 -2.05
C LEU A 40 -18.65 -11.05 -2.74
N GLN A 41 -19.07 -12.15 -2.08
CA GLN A 41 -20.06 -13.10 -2.66
C GLN A 41 -21.47 -12.82 -2.13
N GLN A 42 -21.69 -11.66 -1.51
CA GLN A 42 -23.06 -11.15 -1.23
C GLN A 42 -23.67 -10.67 -2.54
N ASP A 43 -24.96 -10.29 -2.53
CA ASP A 43 -25.63 -9.72 -3.72
C ASP A 43 -24.87 -8.47 -4.15
N HIS A 44 -24.81 -8.22 -5.45
CA HIS A 44 -24.05 -7.11 -6.10
C HIS A 44 -24.31 -5.78 -5.37
N LEU A 45 -25.57 -5.35 -5.23
CA LEU A 45 -25.85 -4.02 -4.64
C LEU A 45 -25.39 -3.97 -3.18
N VAL A 46 -25.50 -5.08 -2.44
CA VAL A 46 -25.07 -5.14 -1.00
C VAL A 46 -23.56 -4.87 -0.96
N VAL A 47 -22.79 -5.52 -1.83
CA VAL A 47 -21.31 -5.33 -1.95
C VAL A 47 -21.03 -3.85 -2.25
N VAL A 48 -21.70 -3.27 -3.25
CA VAL A 48 -21.48 -1.84 -3.66
C VAL A 48 -21.71 -0.96 -2.43
N GLN A 49 -22.80 -1.20 -1.70
CA GLN A 49 -23.24 -0.35 -0.58
C GLN A 49 -22.24 -0.48 0.58
N GLN A 50 -21.84 -1.71 0.95
CA GLN A 50 -20.90 -1.94 2.07
C GLN A 50 -19.53 -1.35 1.73
N ILE A 51 -19.03 -1.54 0.51
CA ILE A 51 -17.74 -0.94 0.07
C ILE A 51 -17.84 0.58 0.15
N THR A 52 -18.93 1.16 -0.36
CA THR A 52 -19.12 2.64 -0.40
C THR A 52 -19.08 3.18 1.03
N LYS A 53 -19.79 2.55 1.98
CA LYS A 53 -19.85 2.97 3.40
C LYS A 53 -18.45 2.91 4.01
N ALA A 54 -17.70 1.83 3.78
CA ALA A 54 -16.33 1.64 4.33
C ALA A 54 -15.40 2.71 3.77
N CYS A 55 -15.53 3.03 2.49
CA CYS A 55 -14.69 4.07 1.81
C CYS A 55 -14.99 5.45 2.40
N GLN A 56 -16.27 5.75 2.64
CA GLN A 56 -16.71 7.08 3.14
C GLN A 56 -16.26 7.26 4.59
N ASP A 57 -16.35 6.22 5.42
CA ASP A 57 -16.27 6.32 6.90
C ASP A 57 -14.91 5.90 7.44
N PHE A 58 -14.18 5.00 6.77
CA PHE A 58 -12.98 4.33 7.34
C PHE A 58 -11.75 4.48 6.42
N GLY A 59 -11.89 4.21 5.12
CA GLY A 59 -10.79 4.25 4.16
C GLY A 59 -9.93 2.98 4.22
N LEU A 60 -10.24 2.07 5.14
CA LEU A 60 -9.54 0.75 5.29
C LEU A 60 -10.61 -0.30 5.60
N PHE A 61 -10.65 -1.38 4.82
CA PHE A 61 -11.57 -2.52 5.04
C PHE A 61 -10.88 -3.79 4.56
N GLN A 62 -11.40 -4.95 4.95
CA GLN A 62 -10.91 -6.24 4.45
C GLN A 62 -11.96 -6.81 3.50
N VAL A 63 -11.52 -7.58 2.51
CA VAL A 63 -12.43 -8.30 1.57
C VAL A 63 -12.17 -9.80 1.76
N ILE A 64 -13.26 -10.58 1.84
CA ILE A 64 -13.23 -12.06 1.93
C ILE A 64 -14.08 -12.64 0.79
N ASN A 65 -13.90 -13.93 0.50
CA ASN A 65 -14.59 -14.60 -0.63
C ASN A 65 -14.40 -13.74 -1.88
N HIS A 66 -13.18 -13.26 -2.08
CA HIS A 66 -12.83 -12.19 -3.06
C HIS A 66 -12.49 -12.77 -4.44
N GLY A 67 -12.48 -14.10 -4.57
CA GLY A 67 -12.32 -14.79 -5.88
C GLY A 67 -10.87 -15.03 -6.25
N LEU A 68 -9.90 -14.55 -5.46
CA LEU A 68 -8.46 -14.81 -5.71
C LEU A 68 -8.12 -16.13 -5.02
N PRO A 69 -7.48 -17.11 -5.70
CA PRO A 69 -7.29 -18.43 -5.10
C PRO A 69 -6.48 -18.40 -3.80
N GLU A 70 -7.03 -19.00 -2.73
CA GLU A 70 -6.36 -19.14 -1.41
C GLU A 70 -5.03 -19.90 -1.58
N LYS A 71 -4.97 -20.91 -2.45
CA LYS A 71 -3.73 -21.68 -2.72
C LYS A 71 -2.66 -20.73 -3.27
N LEU A 72 -3.03 -19.86 -4.20
CA LEU A 72 -2.10 -18.86 -4.81
C LEU A 72 -1.62 -17.87 -3.75
N MET A 73 -2.50 -17.44 -2.84
CA MET A 73 -2.10 -16.54 -1.72
C MET A 73 -1.03 -17.23 -0.87
N ALA A 74 -1.20 -18.53 -0.57
CA ALA A 74 -0.27 -19.31 0.27
C ALA A 74 1.05 -19.50 -0.48
N GLU A 75 1.01 -19.83 -1.77
CA GLU A 75 2.20 -20.07 -2.62
C GLU A 75 3.01 -18.78 -2.76
N THR A 76 2.33 -17.62 -2.84
CA THR A 76 3.01 -16.31 -2.98
C THR A 76 3.67 -15.95 -1.64
N MET A 77 2.96 -16.11 -0.51
CA MET A 77 3.56 -15.85 0.82
C MET A 77 4.78 -16.76 1.00
N ASP A 78 4.68 -18.03 0.59
CA ASP A 78 5.78 -19.02 0.68
C ASP A 78 7.01 -18.51 -0.06
N VAL A 79 6.86 -18.06 -1.32
CA VAL A 79 8.00 -17.71 -2.21
C VAL A 79 8.59 -16.37 -1.76
N CYS A 80 7.77 -15.47 -1.22
CA CYS A 80 8.22 -14.18 -0.62
C CYS A 80 9.06 -14.45 0.64
N LYS A 81 8.61 -15.38 1.50
CA LYS A 81 9.34 -15.77 2.74
C LYS A 81 10.64 -16.46 2.34
N GLU A 82 10.59 -17.30 1.30
CA GLU A 82 11.78 -18.01 0.76
C GLU A 82 12.80 -16.99 0.25
N PHE A 83 12.33 -15.93 -0.42
CA PHE A 83 13.22 -14.84 -0.93
C PHE A 83 13.97 -14.21 0.24
N PHE A 84 13.27 -13.86 1.33
CA PHE A 84 13.90 -13.12 2.46
C PHE A 84 14.78 -14.06 3.29
N ALA A 85 14.70 -15.38 3.07
CA ALA A 85 15.57 -16.39 3.71
C ALA A 85 16.84 -16.61 2.88
N LEU A 86 16.97 -16.02 1.68
CA LEU A 86 18.16 -16.18 0.80
C LEU A 86 19.40 -15.60 1.49
N PRO A 87 20.59 -16.14 1.22
CA PRO A 87 21.81 -15.60 1.81
C PRO A 87 22.17 -14.22 1.24
N ALA A 88 23.00 -13.47 1.99
CA ALA A 88 23.54 -12.15 1.61
C ALA A 88 23.96 -12.14 0.14
N GLU A 89 24.72 -13.15 -0.31
CA GLU A 89 25.35 -13.14 -1.66
C GLU A 89 24.26 -13.04 -2.74
N GLU A 90 23.08 -13.61 -2.50
CA GLU A 90 21.96 -13.55 -3.47
C GLU A 90 21.28 -12.17 -3.38
N LYS A 91 21.03 -11.67 -2.17
CA LYS A 91 20.33 -10.39 -1.95
C LYS A 91 21.15 -9.22 -2.50
N GLU A 92 22.50 -9.31 -2.51
CA GLU A 92 23.37 -8.24 -3.05
C GLU A 92 23.03 -7.95 -4.53
N LYS A 93 22.53 -8.95 -5.26
CA LYS A 93 22.21 -8.81 -6.70
C LYS A 93 21.06 -7.83 -6.93
N LEU A 94 20.32 -7.45 -5.86
CA LEU A 94 19.19 -6.49 -5.93
C LEU A 94 19.52 -5.20 -5.17
N GLN A 95 20.80 -4.98 -4.84
CA GLN A 95 21.29 -3.76 -4.15
C GLN A 95 22.15 -2.97 -5.13
N PRO A 96 21.60 -1.94 -5.82
CA PRO A 96 22.39 -1.17 -6.77
C PRO A 96 23.60 -0.54 -6.08
N LYS A 97 24.80 -0.75 -6.64
CA LYS A 97 26.07 -0.18 -6.14
C LYS A 97 26.30 -0.57 -4.66
N GLY A 98 25.85 -1.77 -4.26
CA GLY A 98 26.22 -2.39 -2.98
C GLY A 98 25.29 -2.03 -1.83
N GLU A 99 24.24 -1.24 -2.09
CA GLU A 99 23.31 -0.64 -1.10
C GLU A 99 21.86 -0.84 -1.54
N PRO A 100 20.88 -1.01 -0.61
CA PRO A 100 19.47 -0.89 -1.00
C PRO A 100 19.17 0.45 -1.69
N ALA A 101 18.22 0.42 -2.62
CA ALA A 101 17.69 1.61 -3.31
C ALA A 101 16.85 2.42 -2.34
N LYS A 102 16.57 3.67 -2.70
CA LYS A 102 15.71 4.59 -1.92
C LYS A 102 14.37 4.75 -2.64
N PHE A 103 13.30 4.94 -1.87
CA PHE A 103 11.98 5.37 -2.38
C PHE A 103 12.07 6.85 -2.76
N GLU A 104 12.48 7.09 -4.00
CA GLU A 104 12.62 8.43 -4.62
C GLU A 104 12.42 8.28 -6.12
N LEU A 105 12.05 9.36 -6.81
CA LEU A 105 11.85 9.34 -8.28
C LEU A 105 13.21 9.52 -8.95
N PRO A 106 13.50 8.86 -10.10
CA PRO A 106 12.57 7.90 -10.71
C PRO A 106 12.46 6.58 -9.93
N LEU A 107 11.23 6.11 -9.70
CA LEU A 107 10.96 4.81 -9.04
C LEU A 107 10.83 3.76 -10.14
N GLU A 108 11.92 3.03 -10.41
CA GLU A 108 12.04 2.09 -11.54
C GLU A 108 11.25 0.82 -11.24
N GLN A 109 10.85 0.09 -12.27
CA GLN A 109 9.95 -1.09 -12.13
C GLN A 109 10.78 -2.37 -12.01
N LYS A 110 12.08 -2.34 -12.34
CA LYS A 110 12.97 -3.50 -12.15
C LYS A 110 13.06 -3.78 -10.64
N ALA A 111 13.23 -5.06 -10.28
CA ALA A 111 13.28 -5.51 -8.87
C ALA A 111 14.52 -4.92 -8.19
N LYS A 112 14.34 -4.38 -6.98
CA LYS A 112 15.41 -3.88 -6.09
C LYS A 112 15.01 -4.11 -4.64
N LEU A 113 15.99 -4.24 -3.75
CA LEU A 113 15.77 -4.12 -2.29
C LEU A 113 15.89 -2.65 -1.93
N TYR A 114 15.04 -2.20 -1.02
CA TYR A 114 14.85 -0.77 -0.66
C TYR A 114 14.99 -0.62 0.85
N VAL A 115 15.61 0.50 1.24
CA VAL A 115 15.63 1.03 2.64
C VAL A 115 14.62 2.17 2.68
N GLU A 116 14.03 2.44 3.83
CA GLU A 116 13.04 3.53 3.97
C GLU A 116 13.14 4.15 5.35
N GLY A 117 12.82 5.43 5.46
CA GLY A 117 12.84 6.20 6.72
C GLY A 117 12.29 7.59 6.51
N GLU A 118 12.62 8.50 7.43
CA GLU A 118 12.14 9.91 7.43
C GLU A 118 13.32 10.85 7.65
N GLN A 119 13.31 12.02 6.99
CA GLN A 119 14.29 13.13 7.16
C GLN A 119 13.54 14.39 7.61
N GLU A 123 15.91 15.03 12.91
CA GLU A 123 15.57 13.75 13.63
C GLU A 123 15.35 12.64 12.60
N ALA A 124 16.32 12.41 11.71
CA ALA A 124 16.30 11.37 10.66
C ALA A 124 16.37 9.98 11.31
N PHE A 125 15.58 9.01 10.83
CA PHE A 125 15.63 7.62 11.33
C PHE A 125 15.21 6.66 10.21
N LEU A 126 15.56 5.39 10.35
CA LEU A 126 15.22 4.33 9.37
C LEU A 126 14.10 3.48 9.93
N TYR A 127 13.23 2.99 9.04
CA TYR A 127 12.18 1.99 9.35
C TYR A 127 12.86 0.62 9.53
N TRP A 128 12.39 -0.14 10.53
CA TRP A 128 12.85 -1.51 10.83
C TRP A 128 12.22 -2.48 9.82
N LYS A 129 12.72 -2.47 8.58
CA LYS A 129 12.04 -3.07 7.41
C LYS A 129 13.05 -3.22 6.26
N ASP A 130 13.02 -4.38 5.60
CA ASP A 130 13.60 -4.60 4.25
C ASP A 130 12.43 -4.75 3.27
N THR A 131 12.48 -4.07 2.12
CA THR A 131 11.38 -4.12 1.12
C THR A 131 11.97 -4.53 -0.23
N LEU A 132 11.41 -5.60 -0.80
CA LEU A 132 11.59 -5.98 -2.23
C LEU A 132 10.46 -5.31 -2.99
N ALA A 133 10.76 -4.52 -4.01
CA ALA A 133 9.72 -3.87 -4.84
C ALA A 133 10.07 -4.06 -6.32
N HIS A 134 9.04 -4.25 -7.13
CA HIS A 134 9.12 -4.26 -8.61
C HIS A 134 7.75 -3.87 -9.17
N GLY A 135 7.72 -3.38 -10.41
CA GLY A 135 6.49 -3.20 -11.19
C GLY A 135 5.91 -4.55 -11.60
N CYS A 136 4.62 -4.59 -11.91
CA CYS A 136 3.90 -5.82 -12.31
C CYS A 136 2.99 -5.61 -13.53
N HIS A 137 2.88 -4.39 -14.06
CA HIS A 137 1.89 -4.08 -15.13
C HIS A 137 2.44 -3.03 -16.10
N PRO A 138 2.35 -3.25 -17.44
CA PRO A 138 1.91 -4.53 -17.99
C PRO A 138 2.99 -5.61 -17.82
N LEU A 139 2.56 -6.87 -17.76
CA LEU A 139 3.47 -8.05 -17.62
C LEU A 139 4.06 -8.36 -19.01
N ASP A 140 5.37 -8.23 -19.15
CA ASP A 140 6.11 -8.61 -20.38
C ASP A 140 7.43 -9.28 -19.97
N GLU A 141 8.08 -9.90 -20.95
CA GLU A 141 9.33 -10.69 -20.78
C GLU A 141 10.40 -9.82 -20.11
N GLU A 142 10.55 -8.58 -20.57
CA GLU A 142 11.58 -7.62 -20.08
C GLU A 142 11.38 -7.36 -18.58
N LEU A 143 10.15 -7.09 -18.17
CA LEU A 143 9.81 -6.78 -16.75
C LEU A 143 10.09 -8.01 -15.88
N VAL A 144 9.59 -9.19 -16.26
CA VAL A 144 9.72 -10.44 -15.43
C VAL A 144 11.19 -10.85 -15.37
N ASN A 145 11.95 -10.62 -16.45
CA ASN A 145 13.41 -10.92 -16.49
C ASN A 145 14.16 -10.00 -15.52
N SER A 146 13.56 -8.90 -15.09
CA SER A 146 14.16 -7.94 -14.12
C SER A 146 13.79 -8.34 -12.68
N TRP A 147 12.91 -9.34 -12.51
CA TRP A 147 12.50 -9.85 -11.17
C TRP A 147 13.58 -10.76 -10.58
N PRO A 148 13.46 -11.12 -9.28
CA PRO A 148 14.41 -12.04 -8.65
C PRO A 148 14.59 -13.36 -9.42
N GLU A 149 15.84 -13.83 -9.51
CA GLU A 149 16.19 -15.13 -10.13
C GLU A 149 15.92 -16.26 -9.13
N LYS A 150 16.05 -15.98 -7.83
CA LYS A 150 15.80 -16.95 -6.73
C LYS A 150 14.74 -16.39 -5.81
N PRO A 151 13.86 -17.21 -5.21
CA PRO A 151 13.75 -18.64 -5.53
C PRO A 151 13.34 -18.88 -7.00
N ALA A 152 13.61 -20.10 -7.50
CA ALA A 152 13.41 -20.47 -8.93
C ALA A 152 11.95 -20.22 -9.33
N THR A 153 11.00 -20.42 -8.41
CA THR A 153 9.53 -20.35 -8.67
C THR A 153 8.99 -18.93 -8.48
N TYR A 154 9.79 -17.96 -8.03
CA TYR A 154 9.30 -16.60 -7.69
C TYR A 154 8.55 -16.03 -8.91
N ARG A 155 9.18 -16.07 -10.09
CA ARG A 155 8.64 -15.38 -11.29
C ARG A 155 7.31 -16.00 -11.72
N GLU A 156 7.23 -17.34 -11.75
CA GLU A 156 6.01 -18.09 -12.17
C GLU A 156 4.86 -17.75 -11.22
N VAL A 157 5.11 -17.83 -9.91
CA VAL A 157 4.08 -17.62 -8.85
C VAL A 157 3.63 -16.15 -8.85
N VAL A 158 4.58 -15.23 -8.83
CA VAL A 158 4.28 -13.78 -8.66
C VAL A 158 3.64 -13.21 -9.94
N ALA A 159 3.97 -13.76 -11.11
CA ALA A 159 3.29 -13.39 -12.38
C ALA A 159 1.79 -13.69 -12.25
N LYS A 160 1.43 -14.89 -11.80
CA LYS A 160 0.01 -15.32 -11.61
C LYS A 160 -0.64 -14.45 -10.52
N TYR A 161 0.04 -14.27 -9.40
CA TYR A 161 -0.43 -13.45 -8.26
C TYR A 161 -0.75 -12.03 -8.72
N SER A 162 0.18 -11.39 -9.43
CA SER A 162 0.06 -9.97 -9.84
C SER A 162 -1.18 -9.82 -10.74
N VAL A 163 -1.40 -10.75 -11.67
CA VAL A 163 -2.57 -10.71 -12.60
C VAL A 163 -3.86 -10.83 -11.78
N GLU A 164 -3.89 -11.76 -10.82
CA GLU A 164 -5.07 -12.01 -9.96
C GLU A 164 -5.33 -10.81 -9.04
N VAL A 165 -4.28 -10.24 -8.43
CA VAL A 165 -4.48 -9.09 -7.50
C VAL A 165 -5.00 -7.90 -8.32
N ARG A 166 -4.48 -7.70 -9.54
CA ARG A 166 -4.98 -6.59 -10.40
C ARG A 166 -6.46 -6.83 -10.70
N LYS A 167 -6.84 -8.06 -11.07
CA LYS A 167 -8.23 -8.42 -11.41
C LYS A 167 -9.13 -8.00 -10.24
N LEU A 168 -8.75 -8.40 -9.02
CA LEU A 168 -9.53 -8.10 -7.80
C LEU A 168 -9.57 -6.58 -7.57
N THR A 169 -8.44 -5.89 -7.73
CA THR A 169 -8.35 -4.43 -7.51
C THR A 169 -9.30 -3.71 -8.49
N MET A 170 -9.32 -4.13 -9.76
CA MET A 170 -10.20 -3.50 -10.79
C MET A 170 -11.68 -3.77 -10.46
N ARG A 171 -12.03 -4.94 -9.93
CA ARG A 171 -13.41 -5.24 -9.45
C ARG A 171 -13.77 -4.24 -8.35
N ILE A 172 -12.88 -4.07 -7.38
CA ILE A 172 -13.13 -3.16 -6.22
C ILE A 172 -13.27 -1.71 -6.75
N LEU A 173 -12.43 -1.29 -7.70
CA LEU A 173 -12.52 0.08 -8.25
C LEU A 173 -13.87 0.27 -8.96
N ASP A 174 -14.43 -0.78 -9.57
CA ASP A 174 -15.73 -0.66 -10.32
C ASP A 174 -16.90 -0.65 -9.32
N TYR A 175 -16.78 -1.36 -8.20
CA TYR A 175 -17.76 -1.23 -7.09
C TYR A 175 -17.76 0.23 -6.62
N ILE A 176 -16.57 0.80 -6.49
CA ILE A 176 -16.34 2.21 -6.04
C ILE A 176 -16.97 3.16 -7.06
N CYS A 177 -16.77 2.92 -8.36
CA CYS A 177 -17.38 3.74 -9.44
C CYS A 177 -18.90 3.80 -9.23
N GLU A 178 -19.54 2.64 -9.08
CA GLU A 178 -21.02 2.51 -8.93
C GLU A 178 -21.47 3.27 -7.67
N GLY A 179 -20.70 3.18 -6.58
CA GLY A 179 -20.98 3.89 -5.31
C GLY A 179 -20.91 5.40 -5.46
N LEU A 180 -19.99 5.91 -6.30
CA LEU A 180 -19.74 7.37 -6.50
C LEU A 180 -20.67 7.93 -7.58
N GLY A 181 -21.19 7.08 -8.45
CA GLY A 181 -21.95 7.48 -9.65
C GLY A 181 -21.03 7.86 -10.80
N LEU A 182 -19.84 7.27 -10.86
CA LEU A 182 -18.92 7.38 -12.01
C LEU A 182 -19.19 6.19 -12.95
N LYS A 183 -18.99 6.38 -14.26
CA LYS A 183 -19.09 5.31 -15.27
C LYS A 183 -18.12 4.18 -14.88
N LEU A 184 -18.52 2.92 -15.06
CA LEU A 184 -17.63 1.75 -14.88
C LEU A 184 -16.38 1.95 -15.73
N GLY A 185 -15.21 1.56 -15.21
CA GLY A 185 -13.92 1.65 -15.91
C GLY A 185 -13.27 3.03 -15.77
N TYR A 186 -13.82 3.91 -14.93
CA TYR A 186 -13.28 5.28 -14.71
C TYR A 186 -11.78 5.25 -14.38
N PHE A 187 -11.33 4.22 -13.66
CA PHE A 187 -9.93 4.08 -13.18
C PHE A 187 -9.15 3.07 -14.04
N ASP A 188 -9.77 2.47 -15.06
CA ASP A 188 -9.16 1.44 -15.94
C ASP A 188 -8.45 2.16 -17.09
N ASN A 189 -7.38 2.87 -16.75
CA ASN A 189 -6.65 3.78 -17.67
C ASN A 189 -5.35 4.20 -16.98
N GLU A 190 -4.82 5.37 -17.33
CA GLU A 190 -3.53 5.90 -16.79
C GLU A 190 -3.59 5.96 -15.26
N LEU A 191 -4.77 6.06 -14.65
CA LEU A 191 -4.92 6.22 -13.16
C LEU A 191 -4.57 4.92 -12.41
N SER A 192 -4.46 3.78 -13.11
CA SER A 192 -4.11 2.48 -12.48
C SER A 192 -2.96 1.79 -13.23
N GLN A 193 -2.19 2.56 -14.01
CA GLN A 193 -1.18 2.00 -14.95
C GLN A 193 0.00 1.42 -14.17
N ILE A 194 0.34 1.96 -13.01
CA ILE A 194 1.50 1.49 -12.19
C ILE A 194 0.99 0.50 -11.15
N GLN A 195 1.59 -0.69 -11.10
CA GLN A 195 1.33 -1.74 -10.08
C GLN A 195 2.66 -2.13 -9.44
N MET A 196 2.97 -1.53 -8.29
CA MET A 196 4.21 -1.82 -7.53
C MET A 196 3.87 -2.89 -6.49
N MET A 197 4.55 -4.03 -6.55
CA MET A 197 4.42 -5.06 -5.49
C MET A 197 5.57 -4.88 -4.51
N LEU A 198 5.23 -4.52 -3.28
CA LEU A 198 6.20 -4.33 -2.16
C LEU A 198 6.06 -5.54 -1.24
N THR A 199 7.07 -6.41 -1.21
CA THR A 199 7.18 -7.50 -0.22
C THR A 199 7.98 -6.96 0.96
N ASN A 200 7.33 -6.79 2.12
CA ASN A 200 7.92 -6.12 3.30
C ASN A 200 8.34 -7.19 4.30
N TYR A 201 9.61 -7.16 4.72
CA TYR A 201 10.17 -8.09 5.72
C TYR A 201 10.52 -7.31 6.97
N TYR A 202 9.86 -7.66 8.08
CA TYR A 202 10.08 -7.05 9.42
C TYR A 202 10.76 -8.11 10.29
N PRO A 203 12.10 -8.05 10.45
CA PRO A 203 12.80 -8.99 11.32
C PRO A 203 12.46 -8.69 12.78
N PRO A 204 12.71 -9.64 13.71
CA PRO A 204 12.47 -9.38 15.12
C PRO A 204 13.32 -8.18 15.54
N CYS A 205 12.80 -7.37 16.46
CA CYS A 205 13.45 -6.12 16.96
C CYS A 205 13.68 -6.25 18.46
N PRO A 206 14.94 -6.12 18.94
CA PRO A 206 15.24 -6.14 20.37
C PRO A 206 14.59 -5.02 21.21
N ASP A 207 14.20 -3.89 20.61
CA ASP A 207 13.52 -2.79 21.33
C ASP A 207 12.34 -2.28 20.52
N PRO A 208 11.18 -2.98 20.55
CA PRO A 208 9.97 -2.53 19.85
C PRO A 208 9.44 -1.15 20.27
N SER A 209 9.73 -0.73 21.51
CA SER A 209 9.21 0.54 22.10
C SER A 209 9.83 1.77 21.40
N SER A 210 10.95 1.61 20.70
CA SER A 210 11.76 2.72 20.13
C SER A 210 11.70 2.75 18.59
N THR A 211 11.21 1.69 17.96
CA THR A 211 11.34 1.49 16.48
C THR A 211 9.96 1.46 15.82
N LEU A 212 9.93 1.60 14.50
CA LEU A 212 8.72 1.43 13.67
C LEU A 212 9.06 0.59 12.44
N GLY A 213 8.24 -0.41 12.14
CA GLY A 213 8.28 -1.11 10.83
C GLY A 213 8.02 -0.14 9.70
N SER A 214 7.08 0.78 9.91
CA SER A 214 6.83 1.96 9.05
C SER A 214 6.09 3.02 9.87
N GLY A 215 6.45 4.29 9.68
CA GLY A 215 5.75 5.43 10.29
C GLY A 215 4.35 5.53 9.72
N GLY A 216 3.47 6.26 10.41
CA GLY A 216 2.11 6.55 9.94
C GLY A 216 2.17 7.25 8.60
N HIS A 217 1.35 6.81 7.66
CA HIS A 217 1.30 7.37 6.28
C HIS A 217 0.00 6.98 5.60
N TYR A 218 -0.47 7.82 4.68
CA TYR A 218 -1.30 7.38 3.53
C TYR A 218 -0.38 6.70 2.53
N ASP A 219 -0.85 5.64 1.86
CA ASP A 219 -0.25 5.22 0.57
C ASP A 219 -0.57 6.36 -0.42
N GLY A 220 0.43 6.83 -1.17
CA GLY A 220 0.28 8.01 -2.04
C GLY A 220 -0.50 7.71 -3.30
N ASN A 221 -0.62 6.42 -3.65
CA ASN A 221 -1.20 5.92 -4.92
C ASN A 221 -2.74 5.89 -4.83
N LEU A 222 -3.40 5.20 -5.73
CA LEU A 222 -4.89 5.19 -5.81
C LEU A 222 -5.45 4.26 -4.74
N ILE A 223 -5.02 3.00 -4.78
CA ILE A 223 -5.55 1.92 -3.90
C ILE A 223 -4.48 0.85 -3.70
N THR A 224 -4.42 0.26 -2.51
CA THR A 224 -3.45 -0.79 -2.15
C THR A 224 -4.21 -2.00 -1.61
N LEU A 225 -3.86 -3.19 -2.10
CA LEU A 225 -4.30 -4.48 -1.49
C LEU A 225 -3.11 -5.09 -0.75
N LEU A 226 -3.33 -5.44 0.50
CA LEU A 226 -2.26 -5.89 1.42
C LEU A 226 -2.63 -7.28 1.94
N GLN A 227 -1.72 -8.23 1.79
CA GLN A 227 -1.86 -9.61 2.30
C GLN A 227 -0.96 -9.75 3.52
N GLN A 228 -1.52 -10.16 4.66
CA GLN A 228 -0.77 -10.36 5.92
C GLN A 228 -1.29 -11.63 6.60
N ASN A 229 -0.42 -12.29 7.38
CA ASN A 229 -0.84 -13.45 8.23
C ASN A 229 -0.45 -13.24 9.69
N LEU A 230 0.28 -12.17 10.04
CA LEU A 230 0.68 -11.90 11.45
C LEU A 230 0.36 -10.45 11.81
N PRO A 231 0.14 -10.16 13.12
CA PRO A 231 -0.18 -8.80 13.56
C PRO A 231 0.98 -7.82 13.35
N GLY A 232 0.65 -6.53 13.38
CA GLY A 232 1.63 -5.43 13.27
C GLY A 232 1.08 -4.23 12.54
N LEU A 233 0.06 -4.42 11.69
CA LEU A 233 -0.58 -3.29 10.95
C LEU A 233 -1.52 -2.56 11.91
N GLN A 234 -1.44 -1.23 11.95
CA GLN A 234 -2.28 -0.37 12.80
C GLN A 234 -2.81 0.78 11.94
N GLN A 235 -4.00 1.26 12.27
CA GLN A 235 -4.67 2.37 11.54
C GLN A 235 -4.94 3.51 12.51
N LEU A 236 -4.78 4.75 12.05
CA LEU A 236 -5.14 5.97 12.81
C LEU A 236 -6.60 6.34 12.50
N ILE A 237 -7.47 6.40 13.52
CA ILE A 237 -8.92 6.71 13.35
C ILE A 237 -9.29 7.97 14.14
N ALA A 240 -7.22 11.10 17.53
CA ALA A 240 -6.07 10.39 16.94
C ALA A 240 -5.78 9.13 17.76
N LYS A 241 -6.66 8.12 17.67
CA LYS A 241 -6.49 6.79 18.28
C LYS A 241 -5.96 5.83 17.22
N TRP A 242 -4.94 5.04 17.56
CA TRP A 242 -4.48 3.89 16.74
C TRP A 242 -5.27 2.64 17.14
N ILE A 243 -5.65 1.84 16.14
CA ILE A 243 -6.29 0.51 16.32
C ILE A 243 -5.47 -0.51 15.55
N ALA A 244 -5.50 -1.77 15.99
CA ALA A 244 -4.79 -2.90 15.35
C ALA A 244 -5.72 -3.56 14.32
N VAL A 245 -5.20 -3.81 13.12
CA VAL A 245 -5.94 -4.48 12.03
C VAL A 245 -5.70 -5.99 12.14
N GLU A 246 -6.75 -6.74 12.50
CA GLU A 246 -6.74 -8.22 12.70
C GLU A 246 -6.19 -8.86 11.43
N PRO A 247 -5.10 -9.64 11.51
CA PRO A 247 -4.64 -10.41 10.35
C PRO A 247 -5.61 -11.56 10.05
N ILE A 248 -6.17 -11.56 8.84
CA ILE A 248 -6.97 -12.69 8.26
C ILE A 248 -6.18 -13.21 7.08
N PRO A 249 -5.44 -14.34 7.24
CA PRO A 249 -4.52 -14.82 6.20
C PRO A 249 -5.10 -14.99 4.79
N THR A 250 -6.40 -15.24 4.65
CA THR A 250 -7.07 -15.50 3.35
C THR A 250 -7.79 -14.24 2.85
N ALA A 251 -7.70 -13.13 3.58
CA ALA A 251 -8.32 -11.84 3.21
C ALA A 251 -7.30 -10.92 2.56
N PHE A 252 -7.76 -9.86 1.90
CA PHE A 252 -6.93 -8.69 1.54
C PHE A 252 -7.42 -7.49 2.36
N VAL A 253 -6.48 -6.76 2.95
CA VAL A 253 -6.76 -5.41 3.50
C VAL A 253 -6.74 -4.45 2.31
N VAL A 254 -7.79 -3.66 2.16
CA VAL A 254 -7.86 -2.59 1.13
C VAL A 254 -7.56 -1.26 1.83
N ASN A 255 -6.47 -0.60 1.41
CA ASN A 255 -6.05 0.74 1.90
C ASN A 255 -6.35 1.75 0.78
N LEU A 256 -7.30 2.67 0.98
CA LEU A 256 -7.55 3.74 -0.01
C LEU A 256 -6.39 4.74 0.04
N GLY A 257 -5.92 5.16 -1.13
CA GLY A 257 -4.74 6.03 -1.25
C GLY A 257 -5.12 7.50 -1.24
N LEU A 258 -4.10 8.34 -1.03
CA LEU A 258 -4.21 9.82 -1.03
C LEU A 258 -4.76 10.28 -2.40
N THR A 259 -4.38 9.59 -3.49
CA THR A 259 -4.83 9.94 -4.86
C THR A 259 -6.36 9.77 -4.95
N LEU A 260 -6.90 8.71 -4.37
CA LEU A 260 -8.37 8.45 -4.43
C LEU A 260 -9.09 9.47 -3.53
N LYS A 261 -8.51 9.83 -2.38
CA LYS A 261 -9.06 10.89 -1.50
C LYS A 261 -9.24 12.18 -2.30
N VAL A 262 -8.23 12.55 -3.10
CA VAL A 262 -8.25 13.78 -3.95
C VAL A 262 -9.33 13.62 -5.03
N ILE A 263 -9.29 12.53 -5.79
CA ILE A 263 -10.18 12.33 -6.98
C ILE A 263 -11.65 12.32 -6.53
N THR A 264 -11.96 11.76 -5.35
CA THR A 264 -13.34 11.75 -4.80
C THR A 264 -13.68 13.07 -4.08
N ASN A 265 -12.78 14.06 -4.10
CA ASN A 265 -12.97 15.38 -3.44
C ASN A 265 -13.29 15.16 -1.96
N GLU A 266 -12.59 14.21 -1.32
CA GLU A 266 -12.67 13.85 0.12
C GLU A 266 -14.04 13.24 0.47
N LYS A 267 -14.84 12.79 -0.51
CA LYS A 267 -16.04 11.95 -0.24
C LYS A 267 -15.58 10.65 0.42
N PHE A 268 -14.38 10.19 0.07
CA PHE A 268 -13.75 8.96 0.64
C PHE A 268 -12.60 9.38 1.57
N GLU A 269 -12.38 8.59 2.61
CA GLU A 269 -11.20 8.69 3.51
C GLU A 269 -10.04 7.93 2.86
N GLY A 270 -8.81 8.39 3.07
CA GLY A 270 -7.60 7.58 2.87
C GLY A 270 -7.31 6.77 4.11
N SER A 271 -6.60 5.65 3.99
CA SER A 271 -6.10 4.85 5.13
C SER A 271 -4.77 5.43 5.62
N ILE A 272 -4.73 5.97 6.83
CA ILE A 272 -3.46 6.31 7.52
C ILE A 272 -3.10 5.09 8.38
N HIS A 273 -1.99 4.43 8.04
CA HIS A 273 -1.57 3.16 8.69
C HIS A 273 -0.08 3.21 9.03
N ARG A 274 0.34 2.33 9.93
CA ARG A 274 1.74 2.15 10.34
C ARG A 274 1.93 0.66 10.63
N VAL A 275 3.19 0.23 10.75
CA VAL A 275 3.54 -1.15 11.17
C VAL A 275 4.47 -1.07 12.37
N VAL A 276 4.13 -1.80 13.43
CA VAL A 276 4.96 -1.90 14.67
C VAL A 276 5.81 -3.17 14.57
N THR A 277 6.94 -3.18 15.28
CA THR A 277 7.91 -4.29 15.31
C THR A 277 7.50 -5.27 16.42
N ASN A 278 8.05 -6.49 16.36
CA ASN A 278 7.77 -7.58 17.32
C ASN A 278 9.12 -8.07 17.85
N PRO A 279 9.28 -8.32 19.17
CA PRO A 279 10.58 -8.71 19.70
C PRO A 279 10.98 -10.17 19.39
N THR A 280 10.02 -11.05 19.06
CA THR A 280 10.21 -12.53 19.05
C THR A 280 10.19 -13.09 17.62
N ARG A 281 9.31 -12.62 16.74
CA ARG A 281 9.04 -13.28 15.44
C ARG A 281 9.17 -12.29 14.27
N ASP A 282 9.55 -12.81 13.11
CA ASP A 282 9.61 -11.99 11.86
C ASP A 282 8.20 -11.99 11.25
N ARG A 283 7.98 -11.07 10.32
CA ARG A 283 6.66 -10.87 9.65
C ARG A 283 6.95 -10.53 8.19
N VAL A 284 6.21 -11.13 7.27
CA VAL A 284 6.23 -10.76 5.83
C VAL A 284 4.82 -10.30 5.44
N SER A 285 4.72 -9.15 4.79
CA SER A 285 3.46 -8.67 4.17
C SER A 285 3.70 -8.43 2.69
N ILE A 286 2.63 -8.50 1.90
CA ILE A 286 2.66 -8.31 0.43
C ILE A 286 1.68 -7.20 0.10
N ALA A 287 2.20 -6.03 -0.28
CA ALA A 287 1.40 -4.86 -0.66
C ALA A 287 1.44 -4.69 -2.17
N THR A 288 0.28 -4.67 -2.83
CA THR A 288 0.12 -4.32 -4.26
C THR A 288 -0.41 -2.88 -4.32
N LEU A 289 0.46 -1.95 -4.69
CA LEU A 289 0.16 -0.50 -4.75
C LEU A 289 -0.16 -0.17 -6.21
N ILE A 290 -1.43 0.08 -6.50
CA ILE A 290 -1.89 0.43 -7.87
C ILE A 290 -2.19 1.92 -7.89
N GLY A 291 -1.82 2.59 -8.97
CA GLY A 291 -2.03 4.04 -9.05
C GLY A 291 -1.53 4.61 -10.37
N PRO A 292 -1.59 5.94 -10.49
CA PRO A 292 -1.29 6.62 -11.75
C PRO A 292 0.16 6.45 -12.22
N ASP A 293 0.35 6.62 -13.53
CA ASP A 293 1.69 6.85 -14.13
C ASP A 293 2.18 8.22 -13.66
N TYR A 294 3.48 8.45 -13.67
CA TYR A 294 4.13 9.69 -13.18
C TYR A 294 3.76 10.87 -14.09
N SER A 295 3.27 10.59 -15.30
CA SER A 295 2.87 11.62 -16.31
C SER A 295 1.44 12.11 -16.08
N CYS A 296 0.70 11.52 -15.14
CA CYS A 296 -0.74 11.81 -14.91
C CYS A 296 -0.93 13.18 -14.26
N THR A 297 -2.05 13.81 -14.57
CA THR A 297 -2.60 15.00 -13.87
C THR A 297 -3.72 14.53 -12.95
N ILE A 298 -3.59 14.80 -11.65
CA ILE A 298 -4.58 14.39 -10.62
C ILE A 298 -5.44 15.62 -10.30
N GLU A 299 -6.76 15.43 -10.28
CA GLU A 299 -7.71 16.47 -9.81
C GLU A 299 -8.99 15.80 -9.35
N PRO A 300 -9.80 16.48 -8.51
CA PRO A 300 -11.14 15.98 -8.19
C PRO A 300 -11.92 15.67 -9.47
N ALA A 301 -12.60 14.53 -9.52
CA ALA A 301 -13.42 14.07 -10.68
C ALA A 301 -14.47 15.14 -10.99
N LYS A 302 -14.43 15.68 -12.21
CA LYS A 302 -15.27 16.84 -12.65
C LYS A 302 -16.74 16.45 -12.54
N GLU A 303 -17.02 15.17 -12.81
CA GLU A 303 -18.38 14.57 -12.87
C GLU A 303 -19.09 14.74 -11.52
N LEU A 304 -18.35 14.88 -10.43
CA LEU A 304 -18.90 14.89 -9.04
C LEU A 304 -18.99 16.33 -8.50
N LEU A 305 -18.37 17.29 -9.15
CA LEU A 305 -18.26 18.70 -8.63
C LEU A 305 -19.56 19.45 -8.92
N SER A 306 -19.92 20.38 -8.04
CA SER A 306 -21.07 21.31 -8.14
C SER A 306 -20.77 22.55 -7.30
N GLN A 307 -21.70 23.52 -7.24
CA GLN A 307 -21.55 24.69 -6.33
C GLN A 307 -21.68 24.21 -4.88
N ASP A 308 -22.41 23.11 -4.64
CA ASP A 308 -22.56 22.45 -3.32
C ASP A 308 -21.29 21.66 -2.98
N ASN A 309 -20.60 21.12 -4.00
CA ASN A 309 -19.39 20.27 -3.85
C ASN A 309 -18.25 20.88 -4.67
N PRO A 310 -17.72 22.06 -4.27
CA PRO A 310 -16.63 22.70 -5.02
C PRO A 310 -15.32 21.95 -4.84
N PRO A 311 -14.40 21.99 -5.83
CA PRO A 311 -13.14 21.25 -5.75
C PRO A 311 -12.29 21.74 -4.56
N LEU A 312 -11.72 20.80 -3.80
CA LEU A 312 -10.88 21.08 -2.61
C LEU A 312 -9.40 21.04 -3.00
N TYR A 313 -9.09 20.59 -4.21
CA TYR A 313 -7.72 20.54 -4.79
C TYR A 313 -7.74 21.08 -6.21
N LYS A 314 -6.68 21.81 -6.58
CA LYS A 314 -6.39 22.21 -7.98
C LYS A 314 -5.70 21.04 -8.66
N PRO A 315 -5.73 20.95 -10.01
CA PRO A 315 -5.00 19.90 -10.72
C PRO A 315 -3.49 19.98 -10.46
N TYR A 316 -2.82 18.83 -10.28
CA TYR A 316 -1.37 18.75 -10.03
C TYR A 316 -0.75 17.56 -10.76
N SER A 317 0.55 17.67 -11.02
CA SER A 317 1.42 16.62 -11.61
C SER A 317 1.60 15.52 -10.57
N TYR A 318 1.33 14.26 -10.92
CA TYR A 318 1.57 13.09 -10.03
C TYR A 318 3.06 13.00 -9.71
N ALA A 319 3.94 13.28 -10.67
CA ALA A 319 5.42 13.28 -10.50
C ALA A 319 5.82 14.30 -9.42
N GLU A 320 5.25 15.50 -9.46
CA GLU A 320 5.56 16.61 -8.54
C GLU A 320 5.07 16.23 -7.14
N PHE A 321 3.83 15.73 -7.06
CA PHE A 321 3.22 15.16 -5.83
C PHE A 321 4.16 14.08 -5.26
N GLY A 322 4.58 13.14 -6.11
CA GLY A 322 5.41 11.98 -5.73
C GLY A 322 6.68 12.42 -5.04
N GLU A 323 7.37 13.41 -5.60
CA GLU A 323 8.64 13.94 -5.04
C GLU A 323 8.40 14.44 -3.60
N ILE A 324 7.32 15.19 -3.37
CA ILE A 324 6.97 15.76 -2.04
C ILE A 324 6.56 14.58 -1.12
N TYR A 325 5.67 13.72 -1.59
CA TYR A 325 5.13 12.58 -0.81
C TYR A 325 6.28 11.73 -0.25
N LEU A 326 7.32 11.49 -1.06
CA LEU A 326 8.42 10.54 -0.72
C LEU A 326 9.46 11.22 0.19
N SER A 327 9.52 12.55 0.23
CA SER A 327 10.57 13.32 0.94
C SER A 327 10.00 13.96 2.23
N ASP A 328 8.84 14.60 2.15
CA ASP A 328 8.28 15.45 3.24
C ASP A 328 7.30 14.62 4.06
N LYS A 329 7.66 14.28 5.31
CA LYS A 329 6.81 13.48 6.22
C LYS A 329 6.46 14.31 7.47
N SER A 330 6.39 15.64 7.31
CA SER A 330 6.03 16.59 8.39
C SER A 330 4.54 16.46 8.75
N ASP A 331 3.70 16.10 7.77
CA ASP A 331 2.27 15.73 8.01
C ASP A 331 1.86 14.67 6.99
N TYR A 332 0.81 13.92 7.31
CA TYR A 332 0.33 12.77 6.50
C TYR A 332 -0.01 13.24 5.08
N ASP A 333 -0.57 14.44 4.94
CA ASP A 333 -1.02 14.94 3.62
C ASP A 333 -0.07 16.04 3.10
N ALA A 334 1.20 16.05 3.53
CA ALA A 334 2.22 17.02 3.07
C ALA A 334 2.27 17.03 1.53
N GLY A 335 2.11 15.87 0.89
CA GLY A 335 2.15 15.70 -0.57
C GLY A 335 1.11 16.52 -1.31
N VAL A 336 -0.08 16.73 -0.72
CA VAL A 336 -1.22 17.42 -1.40
C VAL A 336 -1.47 18.82 -0.83
N LYS A 337 -0.77 19.21 0.25
CA LYS A 337 -0.97 20.52 0.92
C LYS A 337 -0.80 21.68 -0.07
N PRO A 338 0.24 21.68 -0.95
CA PRO A 338 0.43 22.77 -1.90
C PRO A 338 -0.73 22.95 -2.89
N TYR A 339 -1.61 21.95 -3.05
CA TYR A 339 -2.67 21.96 -4.10
C TYR A 339 -4.05 22.19 -3.48
N LYS A 340 -4.15 22.36 -2.17
CA LYS A 340 -5.44 22.59 -1.46
C LYS A 340 -5.98 23.97 -1.85
N ILE A 341 -7.29 24.04 -2.14
CA ILE A 341 -8.01 25.30 -2.48
C ILE A 341 -9.36 25.28 -1.73
N ASN A 342 -10.10 26.38 -1.81
CA ASN A 342 -11.47 26.54 -1.22
C ASN A 342 -11.41 26.19 0.27
FE FE2 B . 1.45 1.80 3.32
C1 EDO C . -9.49 12.33 -12.57
O1 EDO C . -10.16 13.52 -12.18
C2 EDO C . -8.18 12.61 -13.20
O2 EDO C . -7.31 13.28 -12.31
C1 EDO D . 18.00 -12.48 -6.63
O1 EDO D . 17.79 -13.86 -6.83
C2 EDO D . 18.67 -11.82 -7.78
O2 EDO D . 17.85 -11.73 -8.92
C1 EDO E . 0.39 5.78 19.64
O1 EDO E . 0.28 4.44 20.10
C2 EDO E . 1.76 6.32 19.76
O2 EDO E . 2.25 6.94 18.59
C FMT F . 16.50 -4.45 9.58
O1 FMT F . 16.66 -4.09 8.44
O2 FMT F . 17.41 -4.43 10.50
C FMT G . 11.90 11.33 3.83
O1 FMT G . 11.56 10.19 3.61
O2 FMT G . 11.58 12.03 4.87
C1 EDO H . 18.66 9.00 14.38
O1 EDO H . 19.37 8.60 13.22
C2 EDO H . 18.62 10.48 14.55
O2 EDO H . 17.34 10.95 14.89
C1 EDO I . -16.72 10.88 6.00
O1 EDO I . -15.89 10.23 6.93
C2 EDO I . -15.94 11.69 5.04
O2 EDO I . -15.35 10.94 3.99
C FMT J . -4.35 4.49 20.85
O1 FMT J . -3.91 5.47 20.29
O2 FMT J . -3.75 3.33 20.91
N1 OW0 K . 6.02 3.34 2.36
C2 OW0 K . 3.96 3.48 1.24
C4 OW0 K . 5.04 4.32 1.87
C5 OW0 K . 6.84 3.00 0.07
C6 OW0 K . 5.73 5.22 0.85
C8 OW0 K . 5.73 2.77 3.68
O2 OW0 K . 5.28 4.26 -1.33
O3 OW0 K . 3.73 3.28 -5.67
O4 OW0 K . 6.84 4.07 -2.92
C11 OW0 K . 4.32 5.57 -4.16
C12 OW0 K . 3.05 6.11 -4.24
C13 OW0 K . 2.84 7.38 -4.77
C14 OW0 K . 3.91 8.11 -5.25
C15 OW0 K . 5.18 7.58 -5.19
C9 OW0 K . 5.69 4.17 -2.61
C1 OW0 K . 4.61 2.25 0.83
C3 OW0 K . 6.05 2.39 1.22
C7 OW0 K . 6.32 4.40 -0.32
O1 OW0 K . 3.65 2.24 1.90
C10 OW0 K . 4.54 4.17 -3.59
C16 OW0 K . 5.39 6.32 -4.65
C17 OW0 K . 4.74 3.13 -4.68
C1 SIN L . 2.15 -3.85 6.24
O1 SIN L . 1.20 -4.45 6.76
O2 SIN L . 3.29 -4.32 6.18
C2 SIN L . 1.90 -2.45 5.68
C3 SIN L . 2.55 -2.10 4.36
C4 SIN L . 2.27 -0.68 3.89
O3 SIN L . 2.52 0.25 4.68
O4 SIN L . 1.79 -0.51 2.75
C FMT M . -17.24 -6.01 13.52
O1 FMT M . -16.25 -6.71 13.55
O2 FMT M . -17.72 -5.36 14.53
C FMT N . -4.50 11.72 -15.98
O1 FMT N . -5.69 11.69 -16.24
O2 FMT N . -3.64 12.55 -16.49
SR SR O . 17.76 -10.10 -15.19
SR SR P . 25.33 -4.49 0.69
#